data_5DTH
#
_entry.id   5DTH
#
_cell.length_a   84.104
_cell.length_b   39.242
_cell.length_c   134.449
_cell.angle_alpha   90.000
_cell.angle_beta   92.730
_cell.angle_gamma   90.000
#
_symmetry.space_group_name_H-M   'C 1 2 1'
#
loop_
_entity.id
_entity.type
_entity.pdbx_description
1 polymer 'Multiple PDZ domain protein'
2 water water
#
_entity_poly.entity_id   1
_entity_poly.type   'polypeptide(L)'
_entity_poly.pdbx_seq_one_letter_code
;DKEDEFGYSWKNIQERYGTLTGQLHMIELEKGHSGLGLSLAGNKDRTRMSVFIVGIDPTGAAGRDGRLQIADELLEINGQ
ILYGRSHQNASSIIKCAPSKVKIIFIRNADA
;
_entity_poly.pdbx_strand_id   A,B,C,D
#
# COMPACT_ATOMS: atom_id res chain seq x y z
N GLU A 3 -32.72 -19.10 -0.53
CA GLU A 3 -33.42 -17.81 -0.43
C GLU A 3 -34.21 -17.80 0.93
N ASP A 4 -34.45 -16.59 1.48
CA ASP A 4 -35.46 -16.25 2.52
C ASP A 4 -36.65 -15.68 1.79
N GLU A 5 -37.59 -15.12 2.57
CA GLU A 5 -38.83 -14.51 2.06
C GLU A 5 -38.69 -13.37 1.07
N PHE A 6 -37.54 -12.70 1.07
CA PHE A 6 -37.23 -11.65 0.10
C PHE A 6 -36.43 -12.14 -1.11
N GLY A 7 -36.13 -13.43 -1.16
CA GLY A 7 -35.27 -13.97 -2.22
C GLY A 7 -33.78 -13.85 -1.90
N TYR A 8 -33.47 -13.52 -0.66
CA TYR A 8 -32.05 -13.30 -0.26
C TYR A 8 -31.34 -14.58 0.11
N SER A 9 -30.14 -14.77 -0.45
CA SER A 9 -29.21 -15.81 -0.04
C SER A 9 -27.83 -15.19 -0.16
N TRP A 10 -26.85 -15.75 0.55
CA TRP A 10 -25.49 -15.24 0.39
C TRP A 10 -24.99 -15.39 -1.05
N LYS A 11 -25.30 -16.51 -1.69
CA LYS A 11 -25.00 -16.66 -3.12
C LYS A 11 -25.59 -15.51 -3.95
N ASN A 12 -26.88 -15.24 -3.76
CA ASN A 12 -27.59 -14.25 -4.58
C ASN A 12 -27.07 -12.86 -4.40
N ILE A 13 -26.74 -12.50 -3.17
CA ILE A 13 -26.38 -11.11 -2.88
C ILE A 13 -24.93 -10.89 -3.35
N GLN A 14 -24.09 -11.93 -3.21
CA GLN A 14 -22.72 -11.92 -3.79
C GLN A 14 -22.79 -11.74 -5.29
N GLU A 15 -23.72 -12.41 -5.95
CA GLU A 15 -23.86 -12.22 -7.39
C GLU A 15 -24.25 -10.79 -7.77
N ARG A 16 -25.13 -10.18 -6.95
CA ARG A 16 -25.60 -8.84 -7.26
C ARG A 16 -24.60 -7.77 -6.96
N TYR A 17 -23.96 -7.90 -5.83
CA TYR A 17 -23.15 -6.82 -5.30
C TYR A 17 -21.69 -7.14 -5.09
N GLY A 18 -21.27 -8.34 -5.46
CA GLY A 18 -19.93 -8.82 -5.14
C GLY A 18 -18.78 -8.06 -5.82
N THR A 19 -19.10 -7.30 -6.86
CA THR A 19 -18.12 -6.52 -7.58
C THR A 19 -17.88 -5.14 -7.00
N LEU A 20 -18.71 -4.70 -6.08
CA LEU A 20 -18.51 -3.38 -5.50
C LEU A 20 -17.29 -3.43 -4.60
N THR A 21 -16.50 -2.35 -4.66
CA THR A 21 -15.40 -2.13 -3.68
C THR A 21 -15.97 -2.04 -2.26
N GLY A 22 -15.32 -2.76 -1.32
CA GLY A 22 -15.75 -2.79 0.06
C GLY A 22 -16.20 -4.15 0.41
N GLN A 23 -16.75 -4.30 1.60
CA GLN A 23 -17.20 -5.58 2.06
C GLN A 23 -18.72 -5.69 2.27
N LEU A 24 -19.31 -6.65 1.59
CA LEU A 24 -20.73 -6.90 1.66
C LEU A 24 -21.17 -7.59 2.96
N HIS A 25 -22.26 -7.13 3.56
CA HIS A 25 -22.87 -7.78 4.74
C HIS A 25 -24.38 -7.90 4.58
N MET A 26 -24.97 -8.78 5.37
CA MET A 26 -26.42 -8.96 5.47
C MET A 26 -26.73 -9.42 6.87
N ILE A 27 -27.66 -8.72 7.53
CA ILE A 27 -28.04 -9.00 8.90
C ILE A 27 -29.53 -8.88 9.01
N GLU A 28 -30.07 -9.59 10.00
CA GLU A 28 -31.47 -9.46 10.36
C GLU A 28 -31.62 -8.87 11.76
N LEU A 29 -32.55 -7.93 11.92
CA LEU A 29 -32.82 -7.27 13.19
C LEU A 29 -34.30 -7.29 13.48
N GLU A 30 -34.64 -7.19 14.76
CA GLU A 30 -36.03 -7.01 15.21
C GLU A 30 -36.21 -5.57 15.70
N LYS A 31 -37.24 -4.89 15.23
CA LYS A 31 -37.52 -3.48 15.58
C LYS A 31 -38.26 -3.37 16.92
N GLY A 35 -37.63 1.30 17.69
CA GLY A 35 -37.27 1.13 16.25
C GLY A 35 -35.77 0.88 16.11
N LEU A 36 -35.24 1.06 14.90
CA LEU A 36 -33.86 0.67 14.65
C LEU A 36 -32.96 1.70 15.27
N GLY A 37 -33.46 2.92 15.38
CA GLY A 37 -32.69 4.04 15.88
C GLY A 37 -31.52 4.38 15.00
N LEU A 38 -31.77 4.67 13.72
CA LEU A 38 -30.74 5.05 12.76
C LEU A 38 -31.03 6.38 12.19
N SER A 39 -29.97 7.17 12.05
CA SER A 39 -29.99 8.39 11.24
C SER A 39 -29.22 8.12 9.97
N LEU A 40 -29.78 8.59 8.86
CA LEU A 40 -29.24 8.35 7.52
C LEU A 40 -28.92 9.64 6.84
N ALA A 41 -27.93 9.59 5.95
CA ALA A 41 -27.60 10.71 5.07
C ALA A 41 -27.23 10.10 3.75
N GLY A 42 -26.99 10.97 2.79
CA GLY A 42 -26.61 10.53 1.46
C GLY A 42 -27.04 11.47 0.38
N ASN A 43 -26.73 11.09 -0.86
CA ASN A 43 -27.15 11.82 -2.05
C ASN A 43 -27.78 10.84 -3.02
N LYS A 44 -29.01 11.13 -3.47
CA LYS A 44 -29.72 10.21 -4.42
C LYS A 44 -28.91 9.93 -5.69
N ASP A 45 -28.21 10.92 -6.20
CA ASP A 45 -27.52 10.78 -7.46
C ASP A 45 -26.05 10.30 -7.38
N ARG A 46 -25.52 10.07 -6.18
CA ARG A 46 -24.11 9.67 -6.06
C ARG A 46 -24.06 8.17 -6.39
N THR A 47 -22.95 7.68 -6.98
CA THR A 47 -22.92 6.30 -7.51
C THR A 47 -22.41 5.30 -6.46
N ARG A 48 -21.79 5.78 -5.39
CA ARG A 48 -21.49 4.98 -4.16
C ARG A 48 -21.85 5.93 -2.98
N MET A 49 -22.07 5.38 -1.82
CA MET A 49 -22.45 6.16 -0.67
C MET A 49 -23.77 6.98 -0.92
N SER A 50 -24.66 6.37 -1.68
CA SER A 50 -25.95 7.02 -1.89
C SER A 50 -26.83 7.10 -0.61
N VAL A 51 -27.01 6.03 0.18
CA VAL A 51 -27.63 6.12 1.51
C VAL A 51 -26.70 5.46 2.54
N PHE A 52 -26.35 6.18 3.60
CA PHE A 52 -25.43 5.66 4.59
C PHE A 52 -25.83 6.10 6.00
N ILE A 53 -25.35 5.35 6.98
CA ILE A 53 -25.59 5.60 8.37
C ILE A 53 -24.72 6.77 8.91
N VAL A 54 -25.38 7.80 9.46
CA VAL A 54 -24.67 8.92 10.10
C VAL A 54 -24.90 8.99 11.62
N GLY A 55 -25.80 8.16 12.15
CA GLY A 55 -26.05 8.09 13.57
C GLY A 55 -26.70 6.77 13.95
N ILE A 56 -26.30 6.24 15.10
CA ILE A 56 -26.90 5.04 15.71
C ILE A 56 -27.24 5.34 17.19
N ASP A 57 -28.53 5.32 17.51
CA ASP A 57 -28.97 5.45 18.89
C ASP A 57 -28.38 4.27 19.70
N PRO A 58 -27.47 4.52 20.66
CA PRO A 58 -26.78 3.39 21.36
C PRO A 58 -27.73 2.45 22.16
N THR A 59 -28.92 2.97 22.47
CA THR A 59 -29.94 2.24 23.22
C THR A 59 -31.02 1.58 22.36
N GLY A 60 -30.98 1.82 21.05
CA GLY A 60 -31.99 1.32 20.12
C GLY A 60 -31.57 -0.02 19.54
N ALA A 61 -32.43 -0.60 18.70
CA ALA A 61 -32.24 -1.98 18.21
C ALA A 61 -30.93 -2.18 17.48
N ALA A 62 -30.58 -1.24 16.60
CA ALA A 62 -29.32 -1.35 15.87
C ALA A 62 -28.10 -1.23 16.80
N GLY A 63 -28.16 -0.27 17.71
CA GLY A 63 -27.06 -0.02 18.65
C GLY A 63 -26.81 -1.24 19.54
N ARG A 64 -27.88 -1.78 20.11
CA ARG A 64 -27.76 -2.93 21.02
C ARG A 64 -27.19 -4.13 20.27
N ASP A 65 -27.65 -4.33 19.05
CA ASP A 65 -27.19 -5.42 18.24
C ASP A 65 -25.71 -5.31 17.96
N GLY A 66 -25.27 -4.09 17.63
CA GLY A 66 -23.86 -3.78 17.58
C GLY A 66 -23.16 -4.08 16.28
N ARG A 67 -23.83 -4.67 15.28
CA ARG A 67 -23.13 -5.00 14.06
C ARG A 67 -23.05 -3.80 13.05
N LEU A 68 -24.10 -2.99 12.95
CA LEU A 68 -24.10 -1.84 12.04
C LEU A 68 -23.17 -0.78 12.58
N GLN A 69 -22.57 0.02 11.69
CA GLN A 69 -21.54 1.00 12.11
C GLN A 69 -21.79 2.29 11.32
N ILE A 70 -21.37 3.39 11.91
CA ILE A 70 -21.39 4.66 11.26
C ILE A 70 -20.67 4.50 9.95
N ALA A 71 -21.24 5.13 8.94
CA ALA A 71 -20.79 5.13 7.57
C ALA A 71 -21.13 3.90 6.73
N ASP A 72 -21.72 2.86 7.30
CA ASP A 72 -22.13 1.73 6.51
C ASP A 72 -23.14 2.19 5.45
N GLU A 73 -22.98 1.67 4.23
CA GLU A 73 -23.74 2.07 3.07
C GLU A 73 -24.82 1.04 2.88
N LEU A 74 -26.08 1.50 2.93
CA LEU A 74 -27.23 0.61 2.91
C LEU A 74 -27.61 0.42 1.45
N LEU A 75 -27.76 -0.84 1.10
CA LEU A 75 -28.18 -1.19 -0.22
C LEU A 75 -29.66 -1.55 -0.34
N GLU A 76 -30.12 -2.51 0.47
CA GLU A 76 -31.52 -2.98 0.53
C GLU A 76 -32.01 -3.28 1.97
N ILE A 77 -33.32 -3.15 2.17
CA ILE A 77 -34.01 -3.66 3.31
C ILE A 77 -35.29 -4.36 2.83
N ASN A 78 -35.52 -5.59 3.31
CA ASN A 78 -36.74 -6.40 3.02
C ASN A 78 -37.14 -6.39 1.55
N GLY A 79 -36.17 -6.59 0.69
CA GLY A 79 -36.37 -6.63 -0.76
C GLY A 79 -36.52 -5.27 -1.46
N GLN A 80 -36.41 -4.15 -0.74
CA GLN A 80 -36.51 -2.84 -1.35
C GLN A 80 -35.12 -2.21 -1.53
N ILE A 81 -34.85 -1.66 -2.70
CA ILE A 81 -33.55 -1.02 -3.00
C ILE A 81 -33.57 0.35 -2.37
N LEU A 82 -32.47 0.69 -1.71
CA LEU A 82 -32.35 2.00 -1.06
C LEU A 82 -31.50 3.00 -1.82
N TYR A 83 -30.45 2.55 -2.50
CA TYR A 83 -29.63 3.47 -3.31
C TYR A 83 -30.37 4.02 -4.46
N GLY A 84 -29.95 5.18 -4.88
CA GLY A 84 -30.67 5.88 -5.94
C GLY A 84 -31.94 6.57 -5.46
N ARG A 85 -32.17 6.60 -4.15
CA ARG A 85 -33.34 7.22 -3.55
C ARG A 85 -32.85 8.13 -2.43
N SER A 86 -33.64 9.13 -2.09
CA SER A 86 -33.27 10.03 -1.04
C SER A 86 -33.11 9.28 0.30
N HIS A 87 -32.21 9.75 1.16
CA HIS A 87 -32.11 9.18 2.47
C HIS A 87 -33.46 9.24 3.26
N GLN A 88 -34.25 10.26 3.05
CA GLN A 88 -35.59 10.36 3.72
C GLN A 88 -36.53 9.20 3.28
N ASN A 89 -36.60 8.97 1.99
CA ASN A 89 -37.32 7.81 1.46
C ASN A 89 -36.81 6.52 2.02
N ALA A 90 -35.47 6.36 2.14
CA ALA A 90 -34.90 5.21 2.75
C ALA A 90 -35.23 5.10 4.21
N SER A 91 -35.17 6.21 4.96
CA SER A 91 -35.63 6.21 6.31
C SER A 91 -37.15 5.81 6.40
N SER A 92 -37.96 6.35 5.52
CA SER A 92 -39.40 6.01 5.53
C SER A 92 -39.63 4.51 5.33
N ILE A 93 -38.90 3.91 4.37
CA ILE A 93 -38.99 2.49 4.11
C ILE A 93 -38.69 1.72 5.35
N ILE A 94 -37.62 2.12 6.04
CA ILE A 94 -37.27 1.47 7.30
C ILE A 94 -38.34 1.63 8.36
N LYS A 95 -38.89 2.83 8.49
CA LYS A 95 -39.91 3.10 9.53
C LYS A 95 -41.18 2.32 9.30
N CYS A 96 -41.54 2.11 8.03
CA CYS A 96 -42.79 1.43 7.65
C CYS A 96 -42.66 -0.07 7.68
N ALA A 97 -41.44 -0.57 7.71
CA ALA A 97 -41.18 -1.98 7.75
C ALA A 97 -41.70 -2.63 9.01
N PRO A 98 -42.13 -3.89 8.91
CA PRO A 98 -42.53 -4.63 10.11
C PRO A 98 -41.38 -4.80 11.10
N SER A 99 -41.65 -5.49 12.20
CA SER A 99 -40.59 -5.70 13.18
C SER A 99 -39.34 -6.36 12.60
N LYS A 100 -39.53 -7.48 11.90
CA LYS A 100 -38.38 -8.20 11.38
C LYS A 100 -37.86 -7.45 10.19
N VAL A 101 -36.58 -7.08 10.23
CA VAL A 101 -35.94 -6.56 9.04
C VAL A 101 -34.71 -7.32 8.65
N LYS A 102 -34.49 -7.32 7.34
CA LYS A 102 -33.32 -7.83 6.75
C LYS A 102 -32.63 -6.75 5.90
N ILE A 103 -31.35 -6.48 6.20
CA ILE A 103 -30.60 -5.38 5.60
C ILE A 103 -29.32 -5.84 4.91
N ILE A 104 -29.14 -5.39 3.69
CA ILE A 104 -27.97 -5.64 2.93
C ILE A 104 -27.27 -4.32 2.90
N PHE A 105 -26.00 -4.38 3.30
CA PHE A 105 -25.14 -3.19 3.35
C PHE A 105 -23.69 -3.49 3.02
N ILE A 106 -22.93 -2.45 2.75
CA ILE A 106 -21.52 -2.59 2.43
C ILE A 106 -20.70 -1.64 3.33
N ARG A 107 -19.55 -2.12 3.79
CA ARG A 107 -18.63 -1.38 4.69
C ARG A 107 -17.33 -1.12 3.94
N ASN A 108 -16.80 0.09 4.06
CA ASN A 108 -15.73 0.51 3.19
C ASN A 108 -14.43 0.91 3.95
N ALA A 109 -13.74 -0.07 4.48
CA ALA A 109 -12.50 0.18 5.28
C ALA A 109 -11.33 0.60 4.44
N ASP A 110 -10.42 1.39 5.01
CA ASP A 110 -9.20 1.74 4.30
C ASP A 110 -8.36 0.53 3.97
N ALA A 111 -8.27 -0.43 4.91
CA ALA A 111 -7.34 -1.58 4.87
C ALA A 111 -7.90 -2.76 5.71
N ASP B 1 35.20 6.19 -16.30
CA ASP B 1 36.49 5.97 -15.55
C ASP B 1 36.87 7.12 -14.59
N LYS B 2 36.49 8.36 -14.95
CA LYS B 2 36.87 9.59 -14.21
C LYS B 2 36.58 9.51 -12.70
N GLU B 3 37.60 9.78 -11.88
CA GLU B 3 37.53 9.58 -10.42
C GLU B 3 37.52 10.87 -9.67
N ASP B 4 36.86 10.89 -8.52
CA ASP B 4 36.87 12.05 -7.64
C ASP B 4 37.91 11.82 -6.53
N GLU B 5 37.91 12.74 -5.54
CA GLU B 5 38.80 12.70 -4.39
C GLU B 5 38.74 11.47 -3.52
N PHE B 6 37.62 10.74 -3.56
CA PHE B 6 37.47 9.48 -2.82
C PHE B 6 37.80 8.26 -3.66
N GLY B 7 38.19 8.47 -4.92
CA GLY B 7 38.44 7.35 -5.82
C GLY B 7 37.16 6.81 -6.44
N TYR B 8 36.10 7.60 -6.39
CA TYR B 8 34.80 7.16 -6.95
C TYR B 8 34.65 7.44 -8.44
N SER B 9 34.24 6.41 -9.21
CA SER B 9 33.79 6.59 -10.62
CA SER B 9 33.84 6.57 -10.59
C SER B 9 32.66 5.64 -10.78
N TRP B 10 31.87 5.90 -11.81
CA TRP B 10 30.76 5.00 -12.04
C TRP B 10 31.25 3.59 -12.38
N LYS B 11 32.35 3.47 -13.12
CA LYS B 11 33.00 2.16 -13.30
C LYS B 11 33.34 1.45 -11.98
N ASN B 12 34.03 2.16 -11.10
CA ASN B 12 34.48 1.62 -9.82
C ASN B 12 33.38 1.18 -8.88
N ILE B 13 32.30 1.97 -8.83
CA ILE B 13 31.25 1.65 -7.88
C ILE B 13 30.45 0.46 -8.44
N GLN B 14 30.28 0.43 -9.77
CA GLN B 14 29.59 -0.70 -10.44
C GLN B 14 30.34 -1.97 -10.17
N GLU B 15 31.66 -1.91 -10.21
CA GLU B 15 32.48 -3.09 -9.85
C GLU B 15 32.22 -3.56 -8.44
N ARG B 16 32.07 -2.64 -7.49
CA ARG B 16 31.93 -3.02 -6.10
C ARG B 16 30.56 -3.51 -5.77
N TYR B 17 29.57 -2.84 -6.30
CA TYR B 17 28.21 -3.06 -5.92
C TYR B 17 27.26 -3.49 -6.99
N GLY B 18 27.76 -3.69 -8.20
CA GLY B 18 26.89 -3.90 -9.36
C GLY B 18 26.08 -5.17 -9.39
N THR B 19 26.42 -6.12 -8.57
CA THR B 19 25.69 -7.36 -8.52
C THR B 19 24.59 -7.33 -7.46
N LEU B 20 24.53 -6.29 -6.63
CA LEU B 20 23.42 -6.22 -5.67
C LEU B 20 22.08 -5.94 -6.43
N THR B 21 21.03 -6.61 -5.97
CA THR B 21 19.67 -6.32 -6.42
C THR B 21 19.33 -4.89 -6.06
N GLY B 22 18.68 -4.20 -7.00
CA GLY B 22 18.26 -2.79 -6.78
C GLY B 22 19.04 -1.94 -7.74
N GLN B 23 18.86 -0.64 -7.67
CA GLN B 23 19.52 0.31 -8.59
C GLN B 23 20.51 1.23 -7.82
N LEU B 24 21.74 1.17 -8.25
CA LEU B 24 22.85 1.85 -7.64
C LEU B 24 22.81 3.33 -8.02
N HIS B 25 23.01 4.22 -7.05
CA HIS B 25 23.02 5.65 -7.35
C HIS B 25 24.27 6.19 -6.66
N MET B 26 24.68 7.37 -7.09
CA MET B 26 25.72 8.17 -6.42
C MET B 26 25.43 9.67 -6.68
N ILE B 27 25.43 10.47 -5.62
CA ILE B 27 25.07 11.87 -5.70
C ILE B 27 26.02 12.64 -4.82
N GLU B 28 26.17 13.93 -5.16
CA GLU B 28 26.91 14.87 -4.34
C GLU B 28 26.00 15.97 -3.76
N LEU B 29 26.16 16.27 -2.46
CA LEU B 29 25.36 17.26 -1.74
C LEU B 29 26.31 18.20 -1.03
N GLU B 30 25.83 19.42 -0.76
CA GLU B 30 26.49 20.41 0.10
C GLU B 30 25.66 20.52 1.42
N LYS B 31 26.29 20.30 2.58
CA LYS B 31 25.63 20.28 3.92
C LYS B 31 25.53 21.71 4.52
N SER B 34 23.26 23.85 7.55
CA SER B 34 22.00 23.15 7.68
C SER B 34 22.08 21.61 8.11
N GLY B 35 23.14 20.88 7.71
CA GLY B 35 23.24 19.40 7.83
C GLY B 35 22.41 18.58 6.85
N LEU B 36 22.58 17.24 6.73
CA LEU B 36 21.82 16.54 5.67
C LEU B 36 20.39 16.33 6.10
N GLY B 37 20.15 16.23 7.42
CA GLY B 37 18.83 16.04 7.98
C GLY B 37 18.24 14.70 7.64
N LEU B 38 18.94 13.61 8.02
CA LEU B 38 18.46 12.27 7.75
C LEU B 38 18.27 11.54 9.05
N SER B 39 17.18 10.79 9.14
CA SER B 39 16.98 9.81 10.20
C SER B 39 17.21 8.45 9.55
N LEU B 40 17.95 7.60 10.27
CA LEU B 40 18.41 6.31 9.79
C LEU B 40 17.89 5.20 10.70
N ALA B 41 17.67 4.05 10.14
CA ALA B 41 17.40 2.80 10.89
C ALA B 41 18.18 1.68 10.20
N GLY B 42 18.12 0.45 10.77
CA GLY B 42 18.80 -0.66 10.19
C GLY B 42 19.25 -1.70 11.17
N ASN B 43 20.01 -2.67 10.68
CA ASN B 43 20.62 -3.73 11.50
C ASN B 43 22.05 -3.94 11.09
N LYS B 44 22.98 -3.80 12.04
CA LYS B 44 24.37 -3.86 11.74
C LYS B 44 24.77 -5.07 10.93
N ASP B 45 24.25 -6.23 11.27
CA ASP B 45 24.73 -7.48 10.66
C ASP B 45 23.87 -7.94 9.47
N ARG B 46 22.80 -7.21 9.12
CA ARG B 46 21.92 -7.68 8.03
C ARG B 46 22.65 -7.54 6.68
N THR B 47 22.41 -8.46 5.77
CA THR B 47 23.26 -8.57 4.59
C THR B 47 22.81 -7.54 3.56
N ARG B 48 21.55 -7.10 3.68
CA ARG B 48 20.97 -6.00 2.87
C ARG B 48 20.17 -5.14 3.86
N MET B 49 19.97 -3.90 3.51
CA MET B 49 19.22 -2.98 4.33
C MET B 49 19.91 -2.77 5.71
N SER B 50 21.22 -2.85 5.70
CA SER B 50 21.96 -2.63 6.92
C SER B 50 21.71 -1.19 7.43
N VAL B 51 21.88 -0.11 6.64
CA VAL B 51 21.55 1.26 7.06
C VAL B 51 20.71 1.92 5.98
N PHE B 52 19.53 2.40 6.36
CA PHE B 52 18.59 2.91 5.41
C PHE B 52 17.90 4.14 5.99
N ILE B 53 17.41 4.93 5.08
CA ILE B 53 16.73 6.17 5.42
C ILE B 53 15.33 5.91 5.89
N VAL B 54 15.00 6.36 7.09
CA VAL B 54 13.59 6.34 7.56
C VAL B 54 12.89 7.68 7.47
N GLY B 55 13.67 8.76 7.56
CA GLY B 55 13.17 10.11 7.68
C GLY B 55 14.07 11.11 6.97
N ILE B 56 13.45 12.10 6.34
CA ILE B 56 14.16 13.21 5.72
C ILE B 56 13.58 14.55 6.19
N ASP B 57 14.39 15.37 6.84
CA ASP B 57 13.99 16.73 7.21
C ASP B 57 13.69 17.51 5.91
N PRO B 58 12.41 17.92 5.65
CA PRO B 58 12.07 18.54 4.35
C PRO B 58 12.81 19.87 4.10
N THR B 59 13.29 20.51 5.16
CA THR B 59 13.97 21.81 5.07
C THR B 59 15.49 21.69 5.14
N GLY B 60 16.02 20.46 5.31
CA GLY B 60 17.46 20.21 5.37
C GLY B 60 18.03 19.90 3.99
N ALA B 61 19.35 19.71 3.92
CA ALA B 61 20.08 19.61 2.64
C ALA B 61 19.62 18.45 1.74
N ALA B 62 19.37 17.26 2.32
CA ALA B 62 18.81 16.13 1.57
C ALA B 62 17.39 16.36 1.07
N GLY B 63 16.52 16.88 1.94
CA GLY B 63 15.14 17.21 1.58
C GLY B 63 15.07 18.22 0.45
N ARG B 64 15.81 19.32 0.58
CA ARG B 64 15.77 20.42 -0.44
C ARG B 64 16.33 19.93 -1.78
N ASP B 65 17.37 19.11 -1.73
CA ASP B 65 17.91 18.51 -2.95
C ASP B 65 16.91 17.64 -3.63
N GLY B 66 16.21 16.84 -2.86
CA GLY B 66 15.07 16.08 -3.37
C GLY B 66 15.38 14.73 -4.01
N ARG B 67 16.63 14.31 -4.14
CA ARG B 67 16.93 13.00 -4.77
C ARG B 67 16.89 11.77 -3.83
N LEU B 68 17.37 11.91 -2.60
CA LEU B 68 17.31 10.77 -1.63
C LEU B 68 15.87 10.54 -1.21
N GLN B 69 15.53 9.30 -0.87
CA GLN B 69 14.11 8.87 -0.62
C GLN B 69 14.07 7.93 0.56
N ILE B 70 12.93 7.89 1.23
CA ILE B 70 12.72 6.94 2.28
C ILE B 70 12.96 5.57 1.74
N ALA B 71 13.67 4.82 2.57
CA ALA B 71 14.04 3.47 2.33
C ALA B 71 15.29 3.27 1.49
N ASP B 72 15.89 4.33 0.96
CA ASP B 72 17.18 4.18 0.23
C ASP B 72 18.17 3.54 1.19
N GLU B 73 18.99 2.61 0.67
CA GLU B 73 19.99 1.88 1.44
C GLU B 73 21.35 2.47 1.23
N LEU B 74 21.94 2.99 2.30
CA LEU B 74 23.17 3.79 2.23
C LEU B 74 24.33 2.87 2.29
N LEU B 75 25.22 3.02 1.33
CA LEU B 75 26.38 2.19 1.29
C LEU B 75 27.68 2.87 1.77
N GLU B 76 27.99 4.04 1.23
CA GLU B 76 29.17 4.86 1.56
C GLU B 76 28.93 6.35 1.50
N ILE B 77 29.72 7.08 2.28
CA ILE B 77 29.82 8.53 2.18
C ILE B 77 31.28 8.92 2.27
N ASN B 78 31.75 9.75 1.34
CA ASN B 78 33.15 10.27 1.32
C ASN B 78 34.26 9.21 1.58
N GLY B 79 34.11 8.06 0.91
CA GLY B 79 35.02 6.95 1.05
C GLY B 79 34.86 6.12 2.34
N GLN B 80 33.85 6.38 3.14
CA GLN B 80 33.62 5.63 4.36
CA GLN B 80 33.62 5.62 4.38
C GLN B 80 32.44 4.67 4.17
N ILE B 81 32.60 3.43 4.57
CA ILE B 81 31.53 2.41 4.45
C ILE B 81 30.54 2.66 5.61
N LEU B 82 29.25 2.60 5.32
CA LEU B 82 28.17 2.80 6.28
C LEU B 82 27.45 1.51 6.71
N TYR B 83 27.39 0.52 5.84
CA TYR B 83 26.93 -0.79 6.23
C TYR B 83 27.85 -1.48 7.20
N GLY B 84 27.26 -2.43 7.94
CA GLY B 84 28.03 -3.07 8.97
C GLY B 84 28.26 -2.22 10.21
N ARG B 85 27.58 -1.09 10.32
CA ARG B 85 27.64 -0.18 11.49
C ARG B 85 26.24 -0.13 12.07
N SER B 86 26.13 0.18 13.36
CA SER B 86 24.86 0.55 13.91
C SER B 86 24.38 1.81 13.18
N HIS B 87 23.04 1.94 13.01
CA HIS B 87 22.48 3.10 12.30
C HIS B 87 22.81 4.41 13.07
N GLN B 88 22.98 4.32 14.37
CA GLN B 88 23.48 5.52 15.15
C GLN B 88 24.94 5.97 14.81
N ASN B 89 25.85 5.01 14.79
CA ASN B 89 27.17 5.27 14.29
C ASN B 89 27.21 5.74 12.86
N ALA B 90 26.37 5.18 11.95
CA ALA B 90 26.24 5.67 10.61
C ALA B 90 25.76 7.09 10.53
N SER B 91 24.74 7.41 11.32
CA SER B 91 24.27 8.75 11.39
C SER B 91 25.37 9.70 11.90
N SER B 92 26.12 9.27 12.88
CA SER B 92 27.25 10.10 13.38
C SER B 92 28.34 10.37 12.35
N ILE B 93 28.72 9.33 11.59
CA ILE B 93 29.59 9.54 10.44
C ILE B 93 29.11 10.61 9.51
N ILE B 94 27.82 10.57 9.16
CA ILE B 94 27.29 11.58 8.27
C ILE B 94 27.33 13.00 8.86
N LYS B 95 26.95 13.09 10.14
CA LYS B 95 26.95 14.38 10.86
C LYS B 95 28.36 14.99 10.91
N CYS B 96 29.39 14.16 11.03
CA CYS B 96 30.79 14.62 11.17
C CYS B 96 31.49 14.90 9.90
N ALA B 97 30.90 14.48 8.78
CA ALA B 97 31.43 14.72 7.48
C ALA B 97 31.46 16.20 7.16
N PRO B 98 32.43 16.63 6.33
CA PRO B 98 32.47 18.03 5.89
C PRO B 98 31.28 18.41 5.04
N SER B 99 31.24 19.67 4.59
CA SER B 99 30.10 20.15 3.82
C SER B 99 29.84 19.39 2.54
N LYS B 100 30.87 19.22 1.73
CA LYS B 100 30.71 18.54 0.43
C LYS B 100 30.66 17.08 0.74
N VAL B 101 29.59 16.42 0.32
CA VAL B 101 29.50 14.98 0.48
C VAL B 101 29.16 14.29 -0.79
N LYS B 102 29.69 13.08 -0.90
CA LYS B 102 29.41 12.16 -1.96
C LYS B 102 28.89 10.83 -1.33
N ILE B 103 27.69 10.41 -1.74
CA ILE B 103 27.00 9.26 -1.17
C ILE B 103 26.66 8.23 -2.22
N ILE B 104 26.95 6.98 -1.87
CA ILE B 104 26.63 5.88 -2.67
C ILE B 104 25.54 5.15 -1.96
N PHE B 105 24.46 4.92 -2.68
CA PHE B 105 23.26 4.27 -2.14
C PHE B 105 22.55 3.44 -3.18
N ILE B 106 21.73 2.53 -2.71
CA ILE B 106 20.90 1.72 -3.59
C ILE B 106 19.44 2.00 -3.29
N ARG B 107 18.64 2.00 -4.35
CA ARG B 107 17.19 2.06 -4.29
C ARG B 107 16.62 0.76 -4.76
N ASN B 108 15.73 0.23 -3.95
CA ASN B 108 15.28 -1.16 -4.21
C ASN B 108 14.08 -1.38 -5.16
N ALA B 109 14.05 -0.61 -6.25
CA ALA B 109 13.20 -0.93 -7.42
C ALA B 109 13.69 -2.19 -8.13
N ASP B 110 12.74 -2.97 -8.62
CA ASP B 110 12.99 -4.28 -9.26
C ASP B 110 13.27 -4.13 -10.71
N ALA B 111 12.77 -3.06 -11.32
CA ALA B 111 12.87 -2.89 -12.78
C ALA B 111 12.71 -1.39 -13.19
N LYS C 2 -7.28 -1.14 -34.50
CA LYS C 2 -6.03 -0.35 -34.27
C LYS C 2 -5.06 -1.08 -33.28
N GLU C 3 -4.26 -1.98 -33.84
CA GLU C 3 -3.57 -3.06 -33.12
C GLU C 3 -2.05 -3.01 -33.19
N ASP C 4 -1.35 -3.10 -32.03
CA ASP C 4 0.09 -2.83 -32.03
C ASP C 4 0.77 -4.17 -32.23
N GLU C 5 2.11 -4.15 -32.12
CA GLU C 5 2.96 -5.33 -32.33
CA GLU C 5 2.97 -5.32 -32.33
C GLU C 5 2.68 -6.49 -31.41
N PHE C 6 2.02 -6.22 -30.27
CA PHE C 6 1.65 -7.27 -29.33
C PHE C 6 0.22 -7.79 -29.54
N GLY C 7 -0.50 -7.24 -30.52
CA GLY C 7 -1.88 -7.55 -30.72
C GLY C 7 -2.83 -6.74 -29.86
N TYR C 8 -2.32 -5.69 -29.25
CA TYR C 8 -3.13 -4.87 -28.38
C TYR C 8 -3.91 -3.75 -29.13
N SER C 9 -5.17 -3.63 -28.83
CA SER C 9 -5.96 -2.44 -29.13
C SER C 9 -6.83 -2.23 -27.91
N TRP C 10 -7.31 -1.00 -27.70
CA TRP C 10 -8.23 -0.81 -26.58
C TRP C 10 -9.49 -1.67 -26.73
N LYS C 11 -9.99 -1.83 -27.96
CA LYS C 11 -11.10 -2.75 -28.19
C LYS C 11 -10.79 -4.17 -27.73
N ASN C 12 -9.64 -4.71 -28.17
CA ASN C 12 -9.23 -6.08 -27.85
CA ASN C 12 -9.29 -6.12 -27.87
C ASN C 12 -9.07 -6.32 -26.36
N ILE C 13 -8.50 -5.34 -25.65
CA ILE C 13 -8.20 -5.53 -24.23
C ILE C 13 -9.45 -5.44 -23.40
N GLN C 14 -10.32 -4.51 -23.79
CA GLN C 14 -11.63 -4.43 -23.17
C GLN C 14 -12.40 -5.70 -23.37
N GLU C 15 -12.36 -6.25 -24.58
CA GLU C 15 -12.98 -7.59 -24.78
C GLU C 15 -12.42 -8.65 -23.82
N ARG C 16 -11.09 -8.67 -23.71
CA ARG C 16 -10.42 -9.73 -23.05
C ARG C 16 -10.57 -9.65 -21.57
N TYR C 17 -10.50 -8.46 -21.01
CA TYR C 17 -10.50 -8.32 -19.53
C TYR C 17 -11.66 -7.53 -18.96
N GLY C 18 -12.63 -7.16 -19.81
CA GLY C 18 -13.72 -6.26 -19.41
C GLY C 18 -14.71 -6.80 -18.41
N THR C 19 -14.70 -8.09 -18.16
CA THR C 19 -15.55 -8.67 -17.12
C THR C 19 -14.87 -8.83 -15.73
N LEU C 20 -13.57 -8.51 -15.60
CA LEU C 20 -12.95 -8.47 -14.28
C LEU C 20 -13.39 -7.26 -13.46
N THR C 21 -13.60 -7.51 -12.17
CA THR C 21 -13.91 -6.44 -11.21
C THR C 21 -12.77 -5.47 -11.14
N GLY C 22 -13.07 -4.17 -11.19
CA GLY C 22 -12.05 -3.13 -11.08
C GLY C 22 -12.04 -2.37 -12.37
N GLN C 23 -11.11 -1.43 -12.51
CA GLN C 23 -10.98 -0.59 -13.72
C GLN C 23 -9.76 -0.95 -14.57
N LEU C 24 -9.98 -1.30 -15.83
CA LEU C 24 -8.94 -1.72 -16.75
C LEU C 24 -8.21 -0.56 -17.33
N HIS C 25 -6.87 -0.66 -17.41
CA HIS C 25 -6.10 0.42 -18.07
C HIS C 25 -5.05 -0.19 -18.98
N MET C 26 -4.51 0.65 -19.87
CA MET C 26 -3.35 0.31 -20.66
C MET C 26 -2.59 1.57 -20.94
N ILE C 27 -1.27 1.54 -20.71
CA ILE C 27 -0.41 2.74 -20.87
C ILE C 27 0.87 2.24 -21.47
N GLU C 28 1.63 3.12 -22.08
CA GLU C 28 2.93 2.74 -22.59
C GLU C 28 3.96 3.65 -21.92
N LEU C 29 5.02 3.06 -21.42
CA LEU C 29 6.11 3.87 -20.92
C LEU C 29 7.35 3.51 -21.61
N GLU C 30 8.21 4.50 -21.71
CA GLU C 30 9.53 4.38 -22.31
C GLU C 30 10.54 4.31 -21.18
N LYS C 31 11.42 3.31 -21.26
CA LYS C 31 12.29 3.00 -20.15
C LYS C 31 13.27 4.07 -20.13
N GLY C 32 13.56 4.66 -18.97
CA GLY C 32 14.58 5.71 -18.90
C GLY C 32 15.95 5.09 -18.74
N HIS C 33 16.95 5.95 -18.45
CA HIS C 33 18.32 5.50 -18.20
C HIS C 33 18.37 4.50 -17.05
N SER C 34 17.36 4.52 -16.17
CA SER C 34 17.24 3.71 -14.95
C SER C 34 16.05 2.69 -14.90
N GLY C 35 15.52 2.28 -16.07
CA GLY C 35 14.29 1.51 -16.17
C GLY C 35 12.97 2.27 -15.88
N LEU C 36 12.02 1.57 -15.28
CA LEU C 36 10.67 2.12 -14.89
C LEU C 36 10.65 2.54 -13.45
N GLY C 37 11.56 1.97 -12.66
CA GLY C 37 11.52 2.18 -11.19
C GLY C 37 10.24 1.70 -10.53
N LEU C 38 9.96 0.42 -10.62
CA LEU C 38 8.88 -0.22 -9.91
C LEU C 38 9.38 -1.33 -9.02
N SER C 39 8.72 -1.49 -7.88
CA SER C 39 8.88 -2.66 -7.01
C SER C 39 7.60 -3.41 -7.01
N LEU C 40 7.72 -4.73 -7.16
CA LEU C 40 6.55 -5.61 -7.39
C LEU C 40 6.51 -6.71 -6.31
N ALA C 41 5.34 -7.19 -6.01
CA ALA C 41 5.15 -8.29 -5.11
C ALA C 41 4.07 -9.15 -5.72
N GLY C 42 3.92 -10.36 -5.17
CA GLY C 42 2.96 -11.30 -5.66
C GLY C 42 1.99 -11.62 -4.55
N ASN C 43 0.91 -12.29 -4.90
CA ASN C 43 -0.18 -12.51 -3.95
C ASN C 43 -0.94 -13.71 -4.52
N LYS C 44 -0.82 -14.87 -3.88
CA LYS C 44 -1.44 -16.13 -4.30
C LYS C 44 -2.77 -16.42 -3.59
N ASP C 45 -3.40 -15.51 -2.84
CA ASP C 45 -4.58 -15.91 -2.00
C ASP C 45 -5.98 -15.66 -2.55
N ARG C 46 -6.08 -15.07 -3.74
CA ARG C 46 -7.36 -14.66 -4.33
C ARG C 46 -7.60 -15.66 -5.48
N THR C 47 -7.93 -15.19 -6.68
CA THR C 47 -8.47 -16.09 -7.72
C THR C 47 -7.36 -16.56 -8.68
N ARG C 48 -6.20 -15.92 -8.57
CA ARG C 48 -5.01 -16.26 -9.35
C ARG C 48 -3.80 -15.77 -8.63
N MET C 49 -2.65 -16.26 -9.06
CA MET C 49 -1.38 -15.68 -8.58
C MET C 49 -1.25 -14.31 -9.23
N SER C 50 -1.19 -13.25 -8.43
CA SER C 50 -1.25 -11.87 -8.89
C SER C 50 0.08 -11.15 -8.64
N VAL C 51 0.30 -10.12 -9.47
CA VAL C 51 1.49 -9.32 -9.46
C VAL C 51 0.95 -7.90 -9.29
N PHE C 52 1.49 -7.21 -8.30
CA PHE C 52 1.10 -5.91 -7.97
C PHE C 52 2.23 -5.01 -7.72
N ILE C 53 1.95 -3.72 -7.90
CA ILE C 53 2.94 -2.70 -7.64
C ILE C 53 2.95 -2.41 -6.11
N VAL C 54 4.13 -2.54 -5.50
CA VAL C 54 4.28 -2.19 -4.07
C VAL C 54 5.21 -1.04 -3.84
N GLY C 55 5.88 -0.58 -4.87
CA GLY C 55 6.73 0.56 -4.74
C GLY C 55 6.98 1.27 -6.05
N ILE C 56 7.04 2.60 -6.02
CA ILE C 56 7.31 3.43 -7.22
C ILE C 56 8.41 4.46 -6.92
N ASP C 57 9.52 4.39 -7.62
CA ASP C 57 10.62 5.33 -7.47
C ASP C 57 10.07 6.68 -7.91
N PRO C 58 9.93 7.66 -6.99
CA PRO C 58 9.25 8.97 -7.37
C PRO C 58 10.01 9.79 -8.43
N THR C 59 11.29 9.52 -8.56
CA THR C 59 12.16 10.18 -9.58
C THR C 59 12.42 9.34 -10.87
N GLY C 60 11.89 8.14 -10.94
CA GLY C 60 12.06 7.23 -12.11
C GLY C 60 10.92 7.40 -13.12
N ALA C 61 11.03 6.66 -14.23
CA ALA C 61 10.05 6.81 -15.38
C ALA C 61 8.60 6.67 -14.92
N ALA C 62 8.27 5.65 -14.13
CA ALA C 62 6.85 5.39 -13.79
C ALA C 62 6.34 6.51 -12.83
N GLY C 63 7.20 6.91 -11.89
CA GLY C 63 6.85 7.95 -10.91
C GLY C 63 6.63 9.28 -11.58
N ARG C 64 7.56 9.67 -12.47
CA ARG C 64 7.42 10.99 -13.20
C ARG C 64 6.16 10.96 -14.06
N ASP C 65 5.89 9.85 -14.73
CA ASP C 65 4.73 9.73 -15.55
C ASP C 65 3.52 9.94 -14.71
N GLY C 66 3.45 9.29 -13.54
CA GLY C 66 2.41 9.54 -12.59
C GLY C 66 1.13 8.72 -12.68
N ARG C 67 0.94 7.90 -13.71
CA ARG C 67 -0.33 7.20 -13.84
C ARG C 67 -0.44 5.92 -13.02
N LEU C 68 0.61 5.16 -12.97
CA LEU C 68 0.58 3.89 -12.18
C LEU C 68 0.50 4.21 -10.71
N GLN C 69 -0.05 3.30 -9.94
CA GLN C 69 -0.28 3.55 -8.51
C GLN C 69 0.03 2.30 -7.72
N ILE C 70 0.41 2.50 -6.49
CA ILE C 70 0.59 1.37 -5.57
C ILE C 70 -0.68 0.53 -5.60
N ALA C 71 -0.47 -0.79 -5.61
CA ALA C 71 -1.54 -1.80 -5.65
C ALA C 71 -2.21 -2.04 -6.99
N ASP C 72 -1.84 -1.31 -8.03
CA ASP C 72 -2.28 -1.69 -9.38
C ASP C 72 -1.84 -3.15 -9.62
N GLU C 73 -2.75 -3.93 -10.24
CA GLU C 73 -2.46 -5.31 -10.65
C GLU C 73 -2.05 -5.36 -12.09
N LEU C 74 -0.84 -5.84 -12.32
CA LEU C 74 -0.24 -5.92 -13.68
C LEU C 74 -0.75 -7.21 -14.28
N LEU C 75 -1.51 -7.11 -15.38
CA LEU C 75 -2.08 -8.30 -16.07
C LEU C 75 -1.23 -8.90 -17.23
N GLU C 76 -0.79 -8.00 -18.12
CA GLU C 76 0.17 -8.28 -19.16
C GLU C 76 1.23 -7.17 -19.38
N ILE C 77 2.38 -7.58 -19.90
CA ILE C 77 3.38 -6.63 -20.39
C ILE C 77 3.86 -7.19 -21.68
N ASN C 78 3.90 -6.31 -22.72
CA ASN C 78 4.48 -6.67 -24.03
C ASN C 78 4.06 -8.02 -24.54
N GLY C 79 2.75 -8.30 -24.43
CA GLY C 79 2.18 -9.57 -24.92
C GLY C 79 2.31 -10.79 -24.01
N GLN C 80 2.89 -10.63 -22.83
CA GLN C 80 3.05 -11.73 -21.90
CA GLN C 80 2.90 -11.80 -21.95
C GLN C 80 2.07 -11.63 -20.75
N ILE C 81 1.48 -12.73 -20.38
CA ILE C 81 0.59 -12.79 -19.24
C ILE C 81 1.45 -12.88 -18.00
N LEU C 82 1.09 -12.07 -17.00
CA LEU C 82 1.89 -12.01 -15.78
C LEU C 82 1.26 -12.83 -14.66
N TYR C 83 -0.05 -12.91 -14.63
CA TYR C 83 -0.72 -13.67 -13.58
C TYR C 83 -0.39 -15.12 -13.79
N GLY C 84 -0.47 -15.89 -12.73
CA GLY C 84 -0.06 -17.31 -12.76
C GLY C 84 1.48 -17.52 -12.64
N ARG C 85 2.24 -16.43 -12.53
CA ARG C 85 3.70 -16.43 -12.40
C ARG C 85 4.13 -15.49 -11.30
N SER C 86 5.36 -15.70 -10.81
CA SER C 86 5.99 -14.93 -9.75
C SER C 86 6.14 -13.45 -10.10
N HIS C 87 6.28 -12.56 -9.06
CA HIS C 87 6.60 -11.15 -9.37
C HIS C 87 7.93 -10.95 -10.13
N GLN C 88 8.91 -11.83 -9.89
CA GLN C 88 10.21 -11.76 -10.54
C GLN C 88 10.08 -11.91 -12.10
N ASN C 89 9.11 -12.66 -12.55
CA ASN C 89 8.85 -12.78 -13.99
C ASN C 89 8.47 -11.44 -14.66
N ALA C 90 7.56 -10.71 -14.02
CA ALA C 90 7.18 -9.40 -14.51
C ALA C 90 8.30 -8.43 -14.50
N SER C 91 9.06 -8.39 -13.42
CA SER C 91 10.25 -7.58 -13.35
CA SER C 91 10.25 -7.55 -13.35
C SER C 91 11.26 -7.97 -14.42
N SER C 92 11.44 -9.27 -14.63
CA SER C 92 12.38 -9.72 -15.71
C SER C 92 12.00 -9.24 -17.11
N ILE C 93 10.72 -9.36 -17.44
CA ILE C 93 10.14 -8.86 -18.69
C ILE C 93 10.44 -7.39 -18.88
N ILE C 94 10.22 -6.59 -17.84
CA ILE C 94 10.52 -5.17 -17.88
C ILE C 94 12.03 -4.92 -18.13
N LYS C 95 12.88 -5.62 -17.39
CA LYS C 95 14.31 -5.49 -17.50
C LYS C 95 14.84 -5.86 -18.86
N CYS C 96 14.21 -6.84 -19.55
CA CYS C 96 14.64 -7.30 -20.90
C CYS C 96 14.12 -6.48 -22.03
N ALA C 97 13.06 -5.71 -21.80
CA ALA C 97 12.47 -4.87 -22.80
C ALA C 97 13.48 -3.92 -23.39
N PRO C 98 13.62 -3.96 -24.74
CA PRO C 98 14.63 -3.06 -25.34
C PRO C 98 14.31 -1.61 -24.96
N SER C 99 13.04 -1.16 -25.05
CA SER C 99 12.71 0.26 -24.76
C SER C 99 11.26 0.62 -24.28
N LYS C 100 10.27 0.16 -25.01
CA LYS C 100 8.87 0.44 -24.70
C LYS C 100 8.43 -0.67 -23.76
N VAL C 101 7.57 -0.30 -22.84
CA VAL C 101 6.88 -1.28 -22.07
C VAL C 101 5.43 -0.95 -22.12
N LYS C 102 4.60 -1.81 -22.76
CA LYS C 102 3.20 -1.60 -22.93
C LYS C 102 2.58 -2.47 -21.81
N ILE C 103 1.81 -1.83 -20.92
CA ILE C 103 1.32 -2.49 -19.69
C ILE C 103 -0.21 -2.45 -19.62
N ILE C 104 -0.82 -3.60 -19.39
CA ILE C 104 -2.17 -3.74 -19.16
C ILE C 104 -2.28 -4.08 -17.70
N PHE C 105 -3.09 -3.29 -17.04
CA PHE C 105 -3.30 -3.37 -15.55
C PHE C 105 -4.70 -3.01 -15.13
N ILE C 106 -5.04 -3.40 -13.90
CA ILE C 106 -6.37 -3.17 -13.36
C ILE C 106 -6.22 -2.59 -11.94
N ARG C 107 -7.05 -1.59 -11.65
CA ARG C 107 -7.08 -0.84 -10.41
C ARG C 107 -8.41 -1.05 -9.66
N ASN C 108 -8.44 -0.96 -8.29
CA ASN C 108 -9.73 -0.75 -7.42
C ASN C 108 -11.01 -0.17 -8.08
N GLU D 3 7.93 -12.44 10.92
CA GLU D 3 8.45 -13.74 11.34
C GLU D 3 9.79 -13.96 10.63
N ASP D 4 10.38 -15.15 10.84
CA ASP D 4 11.78 -15.36 10.43
C ASP D 4 11.85 -15.13 8.95
N GLU D 5 10.80 -15.50 8.18
CA GLU D 5 10.78 -15.38 6.72
C GLU D 5 10.95 -13.96 6.14
N PHE D 6 10.64 -12.94 6.94
CA PHE D 6 10.81 -11.55 6.54
C PHE D 6 12.10 -10.96 7.10
N GLY D 7 12.87 -11.77 7.82
CA GLY D 7 14.05 -11.25 8.55
C GLY D 7 13.72 -10.74 9.94
N TYR D 8 12.49 -10.94 10.42
CA TYR D 8 12.06 -10.42 11.69
C TYR D 8 12.38 -11.30 12.90
N SER D 9 12.89 -10.67 13.95
CA SER D 9 13.04 -11.25 15.27
C SER D 9 12.89 -10.12 16.24
N TRP D 10 12.58 -10.43 17.52
CA TRP D 10 12.51 -9.38 18.53
C TRP D 10 13.82 -8.62 18.60
N LYS D 11 14.95 -9.35 18.61
CA LYS D 11 16.26 -8.73 18.61
C LYS D 11 16.44 -7.70 17.45
N ASN D 12 16.10 -8.15 16.26
CA ASN D 12 16.31 -7.37 15.06
C ASN D 12 15.43 -6.12 15.05
N ILE D 13 14.18 -6.22 15.51
CA ILE D 13 13.24 -5.09 15.35
C ILE D 13 13.55 -4.06 16.43
N GLN D 14 13.98 -4.55 17.62
CA GLN D 14 14.50 -3.69 18.70
C GLN D 14 15.76 -2.94 18.22
N GLU D 15 16.69 -3.61 17.55
CA GLU D 15 17.84 -2.94 16.92
C GLU D 15 17.45 -1.87 15.88
N ARG D 16 16.50 -2.22 15.04
CA ARG D 16 16.15 -1.37 13.90
C ARG D 16 15.36 -0.14 14.31
N TYR D 17 14.44 -0.29 15.26
CA TYR D 17 13.53 0.79 15.58
C TYR D 17 13.65 1.26 17.03
N GLY D 18 14.63 0.76 17.78
CA GLY D 18 14.70 1.00 19.24
C GLY D 18 14.99 2.42 19.67
N THR D 19 15.41 3.25 18.73
CA THR D 19 15.62 4.64 19.04
C THR D 19 14.41 5.52 18.82
N LEU D 20 13.34 5.00 18.21
CA LEU D 20 12.09 5.75 18.13
C LEU D 20 11.38 5.80 19.46
N THR D 21 10.83 6.97 19.75
CA THR D 21 10.01 7.16 20.95
C THR D 21 8.81 6.26 20.90
N GLY D 22 8.53 5.52 21.98
CA GLY D 22 7.36 4.69 22.07
C GLY D 22 7.77 3.24 22.17
N GLN D 23 6.79 2.35 22.25
CA GLN D 23 7.06 0.93 22.49
C GLN D 23 6.73 0.05 21.29
N LEU D 24 7.69 -0.74 20.89
CA LEU D 24 7.56 -1.59 19.70
C LEU D 24 6.75 -2.82 19.94
N HIS D 25 5.95 -3.19 18.98
CA HIS D 25 5.17 -4.42 19.02
C HIS D 25 5.30 -5.06 17.67
N MET D 26 5.01 -6.36 17.64
CA MET D 26 4.91 -7.14 16.41
C MET D 26 3.84 -8.21 16.62
N ILE D 27 2.91 -8.34 15.66
CA ILE D 27 1.80 -9.30 15.74
C ILE D 27 1.59 -9.90 14.40
N GLU D 28 0.97 -11.07 14.41
CA GLU D 28 0.52 -11.72 13.19
C GLU D 28 -1.00 -11.82 13.13
N LEU D 29 -1.57 -11.53 11.96
CA LEU D 29 -3.05 -11.63 11.74
C LEU D 29 -3.31 -12.38 10.47
N GLU D 30 -4.55 -12.90 10.35
CA GLU D 30 -5.08 -13.51 9.13
C GLU D 30 -6.15 -12.52 8.55
N LYS D 31 -5.96 -12.13 7.30
CA LYS D 31 -6.83 -11.20 6.57
C LYS D 31 -7.72 -12.00 5.66
N GLY D 32 -9.00 -11.66 5.61
CA GLY D 32 -9.92 -12.16 4.57
C GLY D 32 -10.14 -11.17 3.45
N HIS D 33 -11.23 -11.37 2.70
CA HIS D 33 -11.71 -10.37 1.72
C HIS D 33 -11.94 -9.04 2.43
N SER D 34 -12.46 -9.09 3.66
CA SER D 34 -12.82 -7.90 4.46
C SER D 34 -11.58 -7.10 4.93
N GLY D 35 -10.40 -7.62 4.66
CA GLY D 35 -9.16 -7.08 5.16
C GLY D 35 -9.13 -7.04 6.69
N LEU D 36 -8.45 -6.04 7.16
CA LEU D 36 -8.20 -5.91 8.57
C LEU D 36 -9.24 -5.04 9.26
N GLY D 37 -10.01 -4.28 8.47
CA GLY D 37 -11.01 -3.33 9.02
C GLY D 37 -10.37 -2.19 9.78
N LEU D 38 -9.51 -1.44 9.12
CA LEU D 38 -8.82 -0.38 9.73
C LEU D 38 -9.13 0.87 8.94
N SER D 39 -9.22 2.00 9.67
CA SER D 39 -9.03 3.36 9.10
C SER D 39 -7.69 3.93 9.50
N LEU D 40 -6.98 4.49 8.52
CA LEU D 40 -5.62 5.02 8.65
C LEU D 40 -5.56 6.51 8.28
N ALA D 41 -4.66 7.22 8.92
CA ALA D 41 -4.36 8.62 8.63
C ALA D 41 -2.85 8.75 8.63
N GLY D 42 -2.36 9.90 8.17
CA GLY D 42 -0.94 10.08 7.91
C GLY D 42 -0.52 11.46 8.35
N ASN D 43 0.70 11.61 8.85
CA ASN D 43 1.36 12.91 8.73
C ASN D 43 2.91 12.85 8.71
N LYS D 44 3.50 14.05 8.59
CA LYS D 44 4.93 14.33 8.43
C LYS D 44 5.44 15.28 9.53
N ASP D 45 6.57 14.93 10.17
CA ASP D 45 7.23 15.81 11.14
C ASP D 45 8.48 16.37 10.44
N ARG D 46 9.67 16.27 11.05
CA ARG D 46 10.95 16.45 10.38
C ARG D 46 11.68 15.10 10.34
N THR D 47 11.14 14.07 11.02
CA THR D 47 11.82 12.78 11.26
C THR D 47 11.11 11.48 10.73
N ARG D 48 9.85 11.61 10.34
CA ARG D 48 9.10 10.54 9.63
C ARG D 48 7.89 11.11 8.98
N MET D 49 7.45 10.52 7.86
CA MET D 49 6.06 10.55 7.43
C MET D 49 5.37 9.34 8.00
N SER D 50 4.72 9.45 9.14
CA SER D 50 4.02 8.31 9.72
C SER D 50 2.59 7.95 9.14
N VAL D 51 2.22 6.71 9.40
CA VAL D 51 0.90 6.19 9.14
C VAL D 51 0.37 5.58 10.46
N PHE D 52 -0.87 5.93 10.85
CA PHE D 52 -1.39 5.47 12.11
C PHE D 52 -2.85 5.15 12.01
N ILE D 53 -3.29 4.33 12.96
CA ILE D 53 -4.67 3.89 13.07
C ILE D 53 -5.56 5.00 13.66
N VAL D 54 -6.64 5.34 12.95
CA VAL D 54 -7.61 6.28 13.46
C VAL D 54 -8.97 5.68 13.66
N GLY D 55 -9.16 4.46 13.20
CA GLY D 55 -10.38 3.71 13.39
C GLY D 55 -10.22 2.19 13.25
N ILE D 56 -10.96 1.43 14.05
CA ILE D 56 -11.00 -0.05 13.99
C ILE D 56 -12.38 -0.61 13.97
N ASP D 57 -12.72 -1.33 12.91
CA ASP D 57 -14.05 -1.98 12.85
C ASP D 57 -14.09 -3.06 13.96
N PRO D 58 -14.91 -2.89 15.00
CA PRO D 58 -14.95 -3.89 16.10
C PRO D 58 -15.28 -5.35 15.71
N THR D 59 -15.92 -5.54 14.56
CA THR D 59 -16.28 -6.85 14.05
C THR D 59 -15.32 -7.42 13.01
N GLY D 60 -14.30 -6.63 12.60
CA GLY D 60 -13.36 -7.06 11.55
C GLY D 60 -12.17 -7.78 12.12
N ALA D 61 -11.25 -8.20 11.26
CA ALA D 61 -10.05 -9.04 11.68
C ALA D 61 -9.19 -8.37 12.81
N ALA D 62 -8.87 -7.08 12.67
CA ALA D 62 -8.09 -6.36 13.69
C ALA D 62 -8.82 -6.14 14.99
N GLY D 63 -10.09 -5.75 14.90
CA GLY D 63 -10.95 -5.59 16.03
C GLY D 63 -11.14 -6.90 16.83
N ARG D 64 -11.46 -7.99 16.17
CA ARG D 64 -11.70 -9.27 16.85
C ARG D 64 -10.43 -9.79 17.50
N ASP D 65 -9.32 -9.62 16.82
CA ASP D 65 -8.05 -9.95 17.41
C ASP D 65 -7.81 -9.15 18.68
N GLY D 66 -8.07 -7.84 18.64
CA GLY D 66 -8.08 -7.01 19.84
C GLY D 66 -6.75 -6.37 20.23
N ARG D 67 -5.65 -6.67 19.56
CA ARG D 67 -4.41 -6.11 20.02
C ARG D 67 -4.11 -4.68 19.51
N LEU D 68 -4.44 -4.43 18.23
CA LEU D 68 -4.15 -3.10 17.65
C LEU D 68 -5.12 -2.08 18.25
N GLN D 69 -4.69 -0.82 18.35
CA GLN D 69 -5.37 0.19 19.08
C GLN D 69 -5.35 1.43 18.22
N ILE D 70 -6.34 2.25 18.42
CA ILE D 70 -6.27 3.63 17.92
C ILE D 70 -5.00 4.35 18.31
N ALA D 71 -4.44 5.07 17.31
CA ALA D 71 -3.21 5.78 17.37
C ALA D 71 -1.95 4.96 17.19
N ASP D 72 -2.05 3.64 17.11
CA ASP D 72 -0.83 2.83 16.90
C ASP D 72 -0.27 3.21 15.56
N GLU D 73 1.02 3.35 15.50
CA GLU D 73 1.67 3.71 14.27
C GLU D 73 2.20 2.43 13.61
N LEU D 74 1.88 2.30 12.32
CA LEU D 74 2.28 1.12 11.54
C LEU D 74 3.59 1.34 10.83
N LEU D 75 4.55 0.46 11.11
CA LEU D 75 5.91 0.62 10.55
C LEU D 75 6.16 -0.23 9.32
N GLU D 76 5.89 -1.52 9.49
CA GLU D 76 6.06 -2.49 8.45
C GLU D 76 4.95 -3.54 8.46
N ILE D 77 4.71 -4.13 7.27
CA ILE D 77 3.92 -5.31 7.12
C ILE D 77 4.59 -6.23 6.15
N ASN D 78 4.82 -7.48 6.54
CA ASN D 78 5.52 -8.50 5.66
C ASN D 78 6.77 -7.99 4.91
N GLY D 79 7.65 -7.30 5.65
CA GLY D 79 8.91 -6.85 5.14
C GLY D 79 8.82 -5.56 4.33
N GLN D 80 7.61 -5.01 4.20
CA GLN D 80 7.42 -3.78 3.44
C GLN D 80 7.25 -2.59 4.38
N ILE D 81 7.91 -1.50 4.08
CA ILE D 81 7.92 -0.31 4.94
C ILE D 81 6.64 0.47 4.63
N LEU D 82 5.98 0.95 5.65
CA LEU D 82 4.73 1.74 5.54
C LEU D 82 4.87 3.24 5.77
N TYR D 83 5.88 3.66 6.53
CA TYR D 83 6.16 5.07 6.70
C TYR D 83 6.78 5.62 5.44
N GLY D 84 6.84 6.92 5.32
CA GLY D 84 7.33 7.52 4.08
C GLY D 84 6.32 7.45 2.98
N ARG D 85 5.07 7.10 3.29
CA ARG D 85 4.03 7.02 2.36
C ARG D 85 2.81 7.79 2.87
N SER D 86 2.00 8.24 1.92
CA SER D 86 0.62 8.68 2.27
C SER D 86 -0.15 7.52 2.91
N HIS D 87 -1.15 7.82 3.73
CA HIS D 87 -1.97 6.75 4.34
C HIS D 87 -2.75 5.95 3.27
N GLN D 88 -3.11 6.58 2.15
CA GLN D 88 -3.68 5.83 0.99
C GLN D 88 -2.70 4.78 0.39
N ASN D 89 -1.48 5.21 0.10
CA ASN D 89 -0.43 4.25 -0.39
C ASN D 89 -0.19 3.12 0.65
N ALA D 90 -0.09 3.48 1.94
CA ALA D 90 0.09 2.48 3.00
C ALA D 90 -1.09 1.54 3.03
N SER D 91 -2.30 2.08 2.96
CA SER D 91 -3.49 1.24 2.89
C SER D 91 -3.41 0.33 1.72
N SER D 92 -3.03 0.87 0.57
CA SER D 92 -2.96 0.01 -0.63
C SER D 92 -2.00 -1.18 -0.45
N ILE D 93 -0.85 -0.91 0.18
CA ILE D 93 0.11 -1.97 0.49
C ILE D 93 -0.52 -3.09 1.35
N ILE D 94 -1.21 -2.67 2.42
CA ILE D 94 -1.92 -3.62 3.30
C ILE D 94 -2.99 -4.43 2.49
N LYS D 95 -3.71 -3.76 1.58
CA LYS D 95 -4.82 -4.39 0.81
C LYS D 95 -4.27 -5.48 -0.08
N CYS D 96 -3.09 -5.26 -0.63
CA CYS D 96 -2.50 -6.17 -1.63
C CYS D 96 -1.61 -7.26 -0.97
N ALA D 97 -1.35 -7.14 0.34
CA ALA D 97 -0.74 -8.19 1.10
C ALA D 97 -1.56 -9.48 1.11
N PRO D 98 -0.89 -10.64 1.17
CA PRO D 98 -1.60 -11.91 1.34
C PRO D 98 -2.33 -12.06 2.66
N SER D 99 -2.96 -13.20 2.89
CA SER D 99 -3.76 -13.40 4.07
C SER D 99 -3.02 -13.30 5.38
N LYS D 100 -1.93 -14.02 5.44
CA LYS D 100 -1.17 -14.14 6.63
C LYS D 100 -0.31 -12.88 6.64
N VAL D 101 -0.47 -12.03 7.66
CA VAL D 101 0.34 -10.83 7.79
C VAL D 101 1.06 -10.77 9.12
N LYS D 102 2.24 -10.18 9.04
CA LYS D 102 3.06 -9.82 10.17
C LYS D 102 3.32 -8.29 10.18
N ILE D 103 2.91 -7.63 11.27
CA ILE D 103 2.95 -6.17 11.37
C ILE D 103 3.88 -5.76 12.50
N ILE D 104 4.76 -4.82 12.22
CA ILE D 104 5.50 -4.13 13.17
C ILE D 104 4.82 -2.74 13.36
N PHE D 105 4.61 -2.38 14.60
CA PHE D 105 4.03 -1.07 14.96
C PHE D 105 4.59 -0.55 16.27
N ILE D 106 4.32 0.73 16.53
CA ILE D 106 4.85 1.38 17.72
C ILE D 106 3.67 2.12 18.36
N ARG D 107 3.58 2.02 19.69
CA ARG D 107 2.54 2.61 20.49
C ARG D 107 3.20 3.70 21.30
N ASN D 108 2.53 4.84 21.45
CA ASN D 108 3.04 6.02 22.18
C ASN D 108 4.16 6.71 21.40
#